data_3VEP
#
_entry.id   3VEP
#
_cell.length_a   99.740
_cell.length_b   110.720
_cell.length_c   73.130
_cell.angle_alpha   90.00
_cell.angle_beta   133.00
_cell.angle_gamma   90.00
#
_symmetry.space_group_name_H-M   'C 1 2 1'
#
loop_
_entity.id
_entity.type
_entity.pdbx_description
1 polymer 'Uncharacterized protein Rv3413c/MT3522'
2 polymer 'Probable RNA polymerase sigma-D factor'
3 non-polymer 'SULFATE ION'
4 water water
#
loop_
_entity_poly.entity_id
_entity_poly.type
_entity_poly.pdbx_seq_one_letter_code
_entity_poly.pdbx_strand_id
1 'polypeptide(L)'
;(MSE)REFGNPLGDRPPLDELARTDLLLDALAEREEVDFADPRDDALAALLGQWRDDLRWPPASALVSQDEAVAALRAGV
AQRR
;
X,C,G,J
2 'polypeptide(L)'
;(MSE)GSSHHHHHHSQDP(MSE)AIEADSVTR(MSE)NELLEILPAKQREILILRVVVGLSAEETAAAVGSTTGAVRVAQ
HRALQRLKDEIVAAGDYA
;
D,A,E,H
#
loop_
_chem_comp.id
_chem_comp.type
_chem_comp.name
_chem_comp.formula
SO4 non-polymer 'SULFATE ION' 'O4 S -2'
#
# COMPACT_ATOMS: atom_id res chain seq x y z
N PRO A 12 3.72 4.89 0.32
CA PRO A 12 3.70 3.55 -0.27
C PRO A 12 5.11 3.03 -0.51
N PRO A 13 5.32 1.74 -0.25
CA PRO A 13 6.64 1.13 -0.37
C PRO A 13 7.43 1.58 -1.60
N LEU A 14 6.73 1.87 -2.68
CA LEU A 14 7.38 2.28 -3.92
C LEU A 14 8.21 3.54 -3.76
N ASP A 15 7.81 4.40 -2.83
CA ASP A 15 8.55 5.64 -2.58
C ASP A 15 9.82 5.35 -1.80
N GLU A 16 9.83 4.23 -1.10
CA GLU A 16 11.02 3.77 -0.39
C GLU A 16 12.13 3.60 -1.39
N LEU A 17 11.80 2.89 -2.46
CA LEU A 17 12.81 2.52 -3.43
C LEU A 17 13.36 3.79 -4.07
N ALA A 18 12.46 4.65 -4.54
CA ALA A 18 12.85 5.90 -5.19
C ALA A 18 13.77 6.67 -4.29
N ARG A 19 13.49 6.64 -2.99
CA ARG A 19 14.25 7.48 -2.08
C ARG A 19 15.68 6.97 -1.84
N THR A 20 15.82 5.66 -1.74
CA THR A 20 17.16 5.09 -1.63
C THR A 20 17.94 5.39 -2.93
N ASP A 21 17.28 5.21 -4.07
CA ASP A 21 17.92 5.44 -5.36
C ASP A 21 18.45 6.86 -5.42
N LEU A 22 17.63 7.81 -4.99
CA LEU A 22 18.05 9.19 -4.92
C LEU A 22 19.22 9.40 -3.95
N LEU A 23 19.16 8.78 -2.76
CA LEU A 23 20.26 8.93 -1.81
C LEU A 23 21.59 8.42 -2.42
N LEU A 24 21.57 7.19 -2.93
CA LEU A 24 22.75 6.65 -3.63
C LEU A 24 23.22 7.55 -4.80
N ASP A 25 22.29 8.15 -5.55
CA ASP A 25 22.68 9.02 -6.66
C ASP A 25 23.42 10.24 -6.13
N ALA A 26 22.98 10.75 -4.97
CA ALA A 26 23.64 11.90 -4.35
C ALA A 26 25.01 11.51 -3.79
N LEU A 27 25.06 10.36 -3.13
CA LEU A 27 26.33 9.84 -2.67
C LEU A 27 27.31 9.75 -3.82
N ALA A 28 26.84 9.28 -4.95
CA ALA A 28 27.70 8.97 -6.09
C ALA A 28 28.29 10.24 -6.70
N GLU A 29 27.51 11.31 -6.68
CA GLU A 29 27.92 12.60 -7.20
C GLU A 29 28.62 13.42 -6.15
N ARG A 30 28.88 12.80 -5.01
CA ARG A 30 29.49 13.49 -3.89
C ARG A 30 28.69 14.72 -3.39
N GLU A 31 27.39 14.71 -3.57
CA GLU A 31 26.50 15.76 -3.07
C GLU A 31 26.23 15.59 -1.57
N GLU A 32 26.55 16.61 -0.78
CA GLU A 32 26.32 16.59 0.67
C GLU A 32 24.84 16.81 0.98
N VAL A 33 24.21 15.81 1.60
CA VAL A 33 22.80 15.92 1.98
C VAL A 33 22.63 16.01 3.49
N ASP A 34 21.64 16.78 3.91
CA ASP A 34 21.34 16.93 5.34
C ASP A 34 20.12 16.13 5.78
N PHE A 35 20.34 15.11 6.60
CA PHE A 35 19.25 14.25 7.02
C PHE A 35 18.71 14.72 8.35
N ALA A 36 17.41 14.49 8.53
CA ALA A 36 16.75 14.73 9.82
C ALA A 36 17.31 13.82 10.93
N ASP A 37 17.24 12.50 10.68
CA ASP A 37 17.77 11.50 11.61
C ASP A 37 19.29 11.45 11.55
N PRO A 38 19.95 11.74 12.68
CA PRO A 38 21.41 11.88 12.81
C PRO A 38 22.11 10.59 12.41
N ARG A 39 21.40 9.48 12.50
CA ARG A 39 21.97 8.18 12.16
C ARG A 39 22.12 8.07 10.66
N ASP A 40 21.10 8.51 9.93
CA ASP A 40 21.22 8.75 8.50
C ASP A 40 22.48 9.59 8.22
N ASP A 41 22.56 10.79 8.82
CA ASP A 41 23.73 11.65 8.65
C ASP A 41 24.99 10.84 8.85
N ALA A 42 24.99 9.97 9.86
CA ALA A 42 26.23 9.28 10.23
C ALA A 42 26.60 8.28 9.15
N LEU A 43 25.60 7.53 8.71
CA LEU A 43 25.78 6.52 7.67
C LEU A 43 26.24 7.15 6.33
N ALA A 44 25.56 8.19 5.87
CA ALA A 44 25.95 8.91 4.67
C ALA A 44 27.41 9.38 4.75
N ALA A 45 27.77 9.97 5.89
CA ALA A 45 29.14 10.41 6.13
C ALA A 45 30.11 9.25 6.00
N LEU A 46 29.75 8.15 6.63
CA LEU A 46 30.58 6.97 6.61
C LEU A 46 30.78 6.44 5.19
N LEU A 47 29.72 6.50 4.39
CA LEU A 47 29.76 6.03 3.01
C LEU A 47 30.55 6.97 2.13
N GLY A 48 30.40 8.26 2.38
CA GLY A 48 31.13 9.24 1.58
C GLY A 48 32.62 9.07 1.79
N GLN A 49 33.04 8.93 3.06
CA GLN A 49 34.47 8.82 3.33
C GLN A 49 35.02 7.57 2.64
N TRP A 50 34.20 6.53 2.65
CA TRP A 50 34.56 5.24 2.13
C TRP A 50 34.64 5.26 0.62
N ARG A 51 33.65 5.91 0.01
CA ARG A 51 33.61 6.25 -1.40
C ARG A 51 34.92 6.95 -1.78
N ASP A 52 35.27 7.99 -1.03
CA ASP A 52 36.48 8.73 -1.31
C ASP A 52 37.75 7.85 -1.27
N ASP A 53 37.98 7.17 -0.13
CA ASP A 53 39.17 6.33 0.05
C ASP A 53 39.32 5.34 -1.09
N LEU A 54 38.23 4.70 -1.46
CA LEU A 54 38.24 3.64 -2.43
C LEU A 54 38.40 4.16 -3.85
N ARG A 55 38.07 5.42 -4.08
CA ARG A 55 38.26 6.02 -5.38
C ARG A 55 39.72 6.46 -5.45
N TRP A 56 40.24 6.74 -4.28
CA TRP A 56 41.51 7.41 -4.12
C TRP A 56 42.67 6.47 -4.37
N PRO A 57 43.25 6.56 -5.57
CA PRO A 57 44.27 5.65 -6.15
C PRO A 57 45.56 5.50 -5.29
N MSE B 15 47.02 -0.38 23.46
CA MSE B 15 46.56 0.85 22.82
C MSE B 15 46.13 0.60 21.37
O MSE B 15 46.95 0.33 20.49
CB MSE B 15 47.64 1.92 22.86
CG MSE B 15 48.55 1.80 24.06
SE MSE B 15 49.73 3.14 24.11
CE MSE B 15 48.68 4.52 24.61
N ALA B 16 44.84 0.73 21.13
CA ALA B 16 44.23 0.34 19.88
C ALA B 16 43.89 1.53 18.97
N ILE B 17 44.13 1.34 17.68
CA ILE B 17 43.85 2.35 16.66
C ILE B 17 42.38 2.29 16.18
N GLU B 18 41.70 3.42 16.34
CA GLU B 18 40.40 3.68 15.74
C GLU B 18 40.39 3.25 14.27
N ALA B 19 39.47 2.35 13.89
CA ALA B 19 39.42 1.87 12.50
C ALA B 19 39.06 2.99 11.52
N ASP B 20 39.68 2.96 10.34
CA ASP B 20 39.35 3.96 9.31
C ASP B 20 38.01 3.60 8.65
N SER B 21 37.50 4.52 7.83
CA SER B 21 36.21 4.30 7.18
C SER B 21 36.16 2.98 6.41
N VAL B 22 37.24 2.61 5.75
CA VAL B 22 37.22 1.41 4.92
C VAL B 22 37.27 0.11 5.70
N THR B 23 38.11 0.08 6.73
CA THR B 23 38.19 -1.06 7.64
C THR B 23 36.84 -1.29 8.30
N ARG B 24 36.19 -0.20 8.65
CA ARG B 24 34.86 -0.27 9.22
C ARG B 24 33.84 -0.72 8.24
N MSE B 25 33.68 0.06 7.18
CA MSE B 25 32.74 -0.25 6.13
C MSE B 25 32.97 -1.66 5.63
O MSE B 25 32.02 -2.41 5.40
CB MSE B 25 32.88 0.73 4.98
CG MSE B 25 31.76 0.63 4.00
SE MSE B 25 30.09 0.95 4.97
CE MSE B 25 30.54 2.72 5.56
N ASN B 26 34.22 -2.02 5.45
CA ASN B 26 34.58 -3.36 5.05
C ASN B 26 33.97 -4.39 5.99
N GLU B 27 34.20 -4.17 7.28
CA GLU B 27 33.58 -5.00 8.29
C GLU B 27 32.11 -5.15 7.97
N LEU B 28 31.39 -4.04 7.86
CA LEU B 28 29.95 -4.10 7.62
C LEU B 28 29.57 -4.74 6.28
N LEU B 29 30.45 -4.67 5.28
CA LEU B 29 30.15 -5.25 3.98
C LEU B 29 30.14 -6.78 3.95
N GLU B 30 31.10 -7.40 4.62
CA GLU B 30 31.16 -8.86 4.75
C GLU B 30 29.80 -9.47 5.12
N ILE B 31 28.98 -8.72 5.87
CA ILE B 31 27.65 -9.16 6.23
C ILE B 31 26.71 -9.28 5.02
N LEU B 32 26.84 -8.36 4.07
CA LEU B 32 25.94 -8.35 2.95
C LEU B 32 26.16 -9.56 2.03
N PRO B 33 25.09 -10.03 1.42
CA PRO B 33 25.26 -10.93 0.28
C PRO B 33 26.24 -10.28 -0.72
N ALA B 34 26.97 -11.07 -1.50
CA ALA B 34 27.96 -10.52 -2.41
C ALA B 34 27.41 -9.64 -3.56
N LYS B 35 26.25 -9.98 -4.11
CA LYS B 35 25.64 -9.17 -5.17
C LYS B 35 25.16 -7.81 -4.63
N GLN B 36 24.60 -7.80 -3.42
CA GLN B 36 24.21 -6.52 -2.86
C GLN B 36 25.45 -5.66 -2.64
N ARG B 37 26.49 -6.23 -2.04
CA ARG B 37 27.73 -5.48 -1.84
C ARG B 37 28.32 -4.94 -3.16
N GLU B 38 28.30 -5.78 -4.20
CA GLU B 38 28.81 -5.39 -5.51
C GLU B 38 28.05 -4.19 -6.04
N ILE B 39 26.75 -4.15 -5.76
CA ILE B 39 25.87 -3.11 -6.26
C ILE B 39 26.10 -1.76 -5.59
N LEU B 40 26.38 -1.77 -4.29
CA LEU B 40 26.61 -0.53 -3.52
C LEU B 40 27.89 0.10 -3.97
N ILE B 41 28.88 -0.75 -4.22
CA ILE B 41 30.18 -0.34 -4.71
C ILE B 41 30.02 0.34 -6.08
N LEU B 42 29.37 -0.35 -7.01
CA LEU B 42 29.20 0.26 -8.30
C LEU B 42 28.43 1.57 -8.18
N ARG B 43 27.36 1.59 -7.40
CA ARG B 43 26.52 2.77 -7.36
C ARG B 43 27.19 3.95 -6.72
N VAL B 44 28.04 3.71 -5.74
CA VAL B 44 28.56 4.76 -4.89
C VAL B 44 30.01 5.11 -5.22
N VAL B 45 30.82 4.09 -5.37
CA VAL B 45 32.25 4.25 -5.58
C VAL B 45 32.56 4.49 -7.05
N VAL B 46 31.95 3.71 -7.93
CA VAL B 46 32.13 4.00 -9.34
C VAL B 46 31.21 5.16 -9.71
N GLY B 47 29.99 5.14 -9.15
CA GLY B 47 29.00 6.17 -9.38
C GLY B 47 28.09 5.80 -10.53
N LEU B 48 28.02 4.51 -10.81
CA LEU B 48 27.09 4.03 -11.82
C LEU B 48 25.63 4.30 -11.41
N SER B 49 24.77 4.55 -12.39
CA SER B 49 23.36 4.68 -12.11
C SER B 49 22.74 3.30 -11.85
N ALA B 50 21.52 3.31 -11.36
CA ALA B 50 20.72 2.08 -11.30
C ALA B 50 20.72 1.25 -12.61
N GLU B 51 20.35 1.84 -13.75
CA GLU B 51 20.42 1.10 -15.01
C GLU B 51 21.80 0.59 -15.39
N GLU B 52 22.81 1.47 -15.32
CA GLU B 52 24.16 1.08 -15.70
C GLU B 52 24.59 -0.06 -14.81
N THR B 53 24.27 0.04 -13.53
CA THR B 53 24.64 -1.00 -12.58
C THR B 53 23.95 -2.31 -13.01
N ALA B 54 22.67 -2.21 -13.36
CA ALA B 54 21.91 -3.36 -13.87
C ALA B 54 22.61 -4.03 -15.06
N ALA B 55 23.07 -3.23 -16.00
CA ALA B 55 23.75 -3.78 -17.17
C ALA B 55 25.06 -4.45 -16.79
N ALA B 56 25.78 -3.85 -15.85
CA ALA B 56 27.10 -4.34 -15.49
C ALA B 56 27.03 -5.63 -14.67
N VAL B 57 25.86 -5.91 -14.12
CA VAL B 57 25.68 -7.00 -13.18
C VAL B 57 24.74 -8.06 -13.75
N GLY B 58 24.09 -7.75 -14.88
CA GLY B 58 23.28 -8.72 -15.59
C GLY B 58 21.81 -8.79 -15.21
N SER B 59 21.43 -8.09 -14.15
CA SER B 59 20.04 -8.03 -13.76
C SER B 59 19.28 -6.88 -14.41
N THR B 60 18.04 -6.69 -13.99
CA THR B 60 17.22 -5.62 -14.48
C THR B 60 17.38 -4.41 -13.55
N THR B 61 16.81 -3.27 -13.95
CA THR B 61 16.92 -2.07 -13.17
C THR B 61 16.10 -2.18 -11.89
N GLY B 62 14.91 -2.77 -11.98
CA GLY B 62 14.07 -2.94 -10.81
C GLY B 62 14.78 -3.77 -9.76
N ALA B 63 15.42 -4.84 -10.20
CA ALA B 63 16.14 -5.72 -9.32
C ALA B 63 17.23 -4.97 -8.57
N VAL B 64 17.97 -4.12 -9.29
CA VAL B 64 19.04 -3.36 -8.64
C VAL B 64 18.45 -2.44 -7.58
N ARG B 65 17.35 -1.77 -7.91
CA ARG B 65 16.67 -0.86 -7.01
C ARG B 65 16.22 -1.51 -5.73
N VAL B 66 15.86 -2.79 -5.81
CA VAL B 66 15.45 -3.53 -4.63
C VAL B 66 16.66 -3.97 -3.82
N ALA B 67 17.62 -4.58 -4.51
CA ALA B 67 18.83 -5.05 -3.86
C ALA B 67 19.62 -3.92 -3.16
N GLN B 68 19.72 -2.75 -3.81
CA GLN B 68 20.47 -1.66 -3.24
C GLN B 68 19.74 -1.13 -2.00
N HIS B 69 18.40 -1.17 -2.02
CA HIS B 69 17.58 -0.75 -0.90
C HIS B 69 17.77 -1.72 0.25
N ARG B 70 17.61 -3.00 -0.01
CA ARG B 70 17.86 -4.00 1.02
C ARG B 70 19.26 -3.87 1.65
N ALA B 71 20.26 -3.71 0.79
CA ALA B 71 21.60 -3.48 1.26
C ALA B 71 21.65 -2.28 2.23
N LEU B 72 20.99 -1.20 1.84
CA LEU B 72 21.07 0.00 2.64
C LEU B 72 20.47 -0.23 4.01
N GLN B 73 19.31 -0.88 4.04
CA GLN B 73 18.64 -1.19 5.30
C GLN B 73 19.51 -2.13 6.13
N ARG B 74 19.90 -3.25 5.55
CA ARG B 74 20.78 -4.20 6.21
C ARG B 74 21.90 -3.44 6.90
N LEU B 75 22.56 -2.59 6.14
CA LEU B 75 23.62 -1.72 6.61
C LEU B 75 23.22 -0.84 7.80
N LYS B 76 22.06 -0.18 7.70
CA LYS B 76 21.52 0.60 8.81
C LYS B 76 21.40 -0.26 10.05
N ASP B 77 20.79 -1.44 9.88
CA ASP B 77 20.62 -2.36 10.98
C ASP B 77 21.94 -2.69 11.65
N GLU B 78 22.87 -3.24 10.88
CA GLU B 78 24.11 -3.76 11.42
C GLU B 78 24.83 -2.69 12.23
N ILE B 79 24.60 -1.43 11.86
CA ILE B 79 25.23 -0.33 12.55
C ILE B 79 24.76 -0.32 14.00
N VAL B 80 23.48 -0.63 14.19
CA VAL B 80 22.87 -0.53 15.50
C VAL B 80 23.54 -1.46 16.50
N ALA B 81 23.86 -2.67 16.07
CA ALA B 81 24.65 -3.57 16.89
C ALA B 81 26.05 -3.74 16.30
N ALA B 82 27.05 -3.55 17.15
CA ALA B 82 27.06 -2.44 18.09
C ALA B 82 26.01 -1.40 17.76
N PRO C 12 -10.51 -9.80 -19.76
CA PRO C 12 -9.53 -10.84 -19.41
C PRO C 12 -8.26 -10.23 -18.84
N PRO C 13 -7.12 -10.86 -19.14
CA PRO C 13 -5.83 -10.37 -18.69
C PRO C 13 -4.95 -10.04 -19.87
N LEU C 14 -4.48 -8.80 -19.90
CA LEU C 14 -3.61 -8.31 -20.95
C LEU C 14 -4.46 -7.68 -22.05
N ASP C 15 -5.76 -7.99 -22.05
CA ASP C 15 -6.78 -7.14 -22.63
C ASP C 15 -7.01 -5.81 -21.90
N GLU C 16 -6.97 -5.87 -20.58
CA GLU C 16 -7.20 -4.71 -19.74
C GLU C 16 -6.05 -3.73 -19.88
N LEU C 17 -4.84 -4.29 -19.94
CA LEU C 17 -3.60 -3.54 -20.12
C LEU C 17 -3.62 -2.84 -21.46
N ALA C 18 -3.92 -3.62 -22.50
CA ALA C 18 -4.03 -3.11 -23.85
C ALA C 18 -4.97 -1.93 -23.86
N ARG C 19 -6.08 -2.03 -23.14
CA ARG C 19 -7.05 -0.98 -23.22
C ARG C 19 -6.63 0.33 -22.57
N THR C 20 -5.92 0.23 -21.45
CA THR C 20 -5.39 1.44 -20.81
C THR C 20 -4.32 2.07 -21.72
N ASP C 21 -3.49 1.21 -22.31
CA ASP C 21 -2.42 1.65 -23.19
C ASP C 21 -3.01 2.45 -24.33
N LEU C 22 -4.08 1.92 -24.92
CA LEU C 22 -4.77 2.65 -25.98
C LEU C 22 -5.36 3.96 -25.49
N LEU C 23 -5.96 3.95 -24.30
CA LEU C 23 -6.56 5.18 -23.80
C LEU C 23 -5.50 6.27 -23.64
N LEU C 24 -4.40 5.94 -22.95
CA LEU C 24 -3.26 6.86 -22.83
C LEU C 24 -2.66 7.30 -24.17
N ASP C 25 -2.66 6.39 -25.16
CA ASP C 25 -2.18 6.74 -26.51
C ASP C 25 -3.09 7.81 -27.13
N ALA C 26 -4.41 7.68 -26.91
CA ALA C 26 -5.38 8.66 -27.44
C ALA C 26 -5.30 9.99 -26.70
N LEU C 27 -5.20 9.93 -25.38
CA LEU C 27 -4.91 11.13 -24.61
C LEU C 27 -3.69 11.85 -25.16
N ALA C 28 -2.65 11.09 -25.47
CA ALA C 28 -1.37 11.71 -25.78
C ALA C 28 -1.39 12.41 -27.15
N GLU C 29 -2.26 11.91 -28.02
CA GLU C 29 -2.44 12.46 -29.37
C GLU C 29 -3.57 13.47 -29.36
N ARG C 30 -4.05 13.78 -28.17
CA ARG C 30 -5.16 14.71 -28.01
C ARG C 30 -6.43 14.27 -28.78
N GLU C 31 -6.57 12.97 -28.98
CA GLU C 31 -7.75 12.39 -29.60
C GLU C 31 -8.95 12.33 -28.65
N GLU C 32 -10.04 12.99 -29.01
CA GLU C 32 -11.25 13.00 -28.19
C GLU C 32 -11.96 11.64 -28.25
N VAL C 33 -12.04 10.95 -27.12
CA VAL C 33 -12.76 9.68 -27.07
C VAL C 33 -14.05 9.76 -26.27
N ASP C 34 -15.08 9.06 -26.75
CA ASP C 34 -16.39 9.04 -26.09
C ASP C 34 -16.59 7.76 -25.28
N PHE C 35 -16.62 7.89 -23.96
CA PHE C 35 -16.80 6.73 -23.08
C PHE C 35 -18.26 6.50 -22.71
N ALA C 36 -18.60 5.23 -22.52
CA ALA C 36 -19.92 4.87 -22.05
C ALA C 36 -20.13 5.41 -20.62
N ASP C 37 -19.25 5.03 -19.70
CA ASP C 37 -19.32 5.51 -18.31
C ASP C 37 -18.87 6.97 -18.21
N PRO C 38 -19.79 7.85 -17.78
CA PRO C 38 -19.61 9.31 -17.68
C PRO C 38 -18.42 9.66 -16.79
N ARG C 39 -18.05 8.74 -15.90
CA ARG C 39 -16.94 8.99 -15.00
C ARG C 39 -15.65 8.90 -15.80
N ASP C 40 -15.58 7.90 -16.68
CA ASP C 40 -14.51 7.81 -17.66
C ASP C 40 -14.44 9.14 -18.38
N ASP C 41 -15.56 9.53 -19.00
CA ASP C 41 -15.60 10.81 -19.72
C ASP C 41 -15.00 11.92 -18.87
N ALA C 42 -15.31 11.91 -17.59
CA ALA C 42 -14.92 13.01 -16.71
C ALA C 42 -13.43 13.00 -16.51
N LEU C 43 -12.92 11.81 -16.21
CA LEU C 43 -11.51 11.60 -15.95
C LEU C 43 -10.70 12.00 -17.20
N ALA C 44 -11.05 11.43 -18.35
CA ALA C 44 -10.39 11.76 -19.63
C ALA C 44 -10.35 13.27 -19.85
N ALA C 45 -11.48 13.94 -19.68
CA ALA C 45 -11.53 15.39 -19.81
C ALA C 45 -10.53 16.04 -18.88
N LEU C 46 -10.54 15.57 -17.64
CA LEU C 46 -9.67 16.15 -16.63
C LEU C 46 -8.19 16.01 -17.00
N LEU C 47 -7.82 14.85 -17.52
CA LEU C 47 -6.46 14.58 -17.97
C LEU C 47 -6.09 15.40 -19.19
N GLY C 48 -7.02 15.53 -20.13
CA GLY C 48 -6.80 16.34 -21.31
C GLY C 48 -6.49 17.76 -20.94
N GLN C 49 -7.29 18.35 -20.07
CA GLN C 49 -7.12 19.75 -19.74
C GLN C 49 -5.78 19.94 -19.05
N TRP C 50 -5.44 18.94 -18.24
CA TRP C 50 -4.19 18.94 -17.50
C TRP C 50 -3.00 18.80 -18.44
N ARG C 51 -3.12 17.86 -19.39
CA ARG C 51 -2.17 17.66 -20.47
C ARG C 51 -1.91 18.99 -21.15
N ASP C 52 -3.00 19.70 -21.48
CA ASP C 52 -2.86 20.92 -22.24
C ASP C 52 -2.11 22.00 -21.42
N ASP C 53 -2.62 22.29 -20.22
CA ASP C 53 -1.99 23.28 -19.35
C ASP C 53 -0.52 23.02 -19.18
N LEU C 54 -0.14 21.76 -18.92
CA LEU C 54 1.26 21.42 -18.62
C LEU C 54 2.15 21.48 -19.84
N ARG C 55 1.56 21.36 -21.03
CA ARG C 55 2.30 21.44 -22.26
C ARG C 55 2.49 22.92 -22.56
N TRP C 56 1.51 23.70 -22.16
CA TRP C 56 1.37 25.11 -22.53
C TRP C 56 2.53 25.97 -22.06
N PRO C 57 3.23 26.58 -23.01
CA PRO C 57 4.37 27.45 -22.71
C PRO C 57 3.94 28.70 -21.95
N PRO C 58 4.76 29.12 -21.00
CA PRO C 58 4.47 30.33 -20.21
C PRO C 58 4.20 31.52 -21.13
N MSE D 15 -14.23 34.74 -3.60
CA MSE D 15 -13.40 34.26 -2.51
C MSE D 15 -12.85 32.88 -2.82
O MSE D 15 -11.68 32.73 -3.13
CB MSE D 15 -14.21 34.25 -1.22
CG MSE D 15 -15.04 35.49 -1.00
SE MSE D 15 -15.38 36.40 -2.52
CE MSE D 15 -16.29 37.80 -1.89
N ALA D 16 -13.71 31.87 -2.76
CA ALA D 16 -13.31 30.52 -3.12
C ALA D 16 -13.08 30.39 -4.62
N ILE D 17 -11.91 29.87 -4.99
CA ILE D 17 -11.57 29.70 -6.40
C ILE D 17 -11.49 28.22 -6.77
N GLU D 18 -12.27 27.84 -7.78
CA GLU D 18 -12.29 26.46 -8.24
C GLU D 18 -10.90 26.03 -8.71
N ALA D 19 -10.36 24.99 -8.09
CA ALA D 19 -9.03 24.53 -8.44
C ALA D 19 -8.97 24.19 -9.92
N ASP D 20 -7.91 24.66 -10.58
CA ASP D 20 -7.72 24.36 -11.99
C ASP D 20 -7.32 22.90 -12.18
N SER D 21 -7.26 22.46 -13.43
CA SER D 21 -6.99 21.04 -13.73
C SER D 21 -5.67 20.55 -13.10
N VAL D 22 -4.68 21.42 -13.14
CA VAL D 22 -3.35 21.11 -12.63
C VAL D 22 -3.27 20.98 -11.11
N THR D 23 -3.80 21.97 -10.41
CA THR D 23 -3.93 21.95 -8.97
C THR D 23 -4.69 20.71 -8.49
N ARG D 24 -5.73 20.37 -9.21
CA ARG D 24 -6.51 19.17 -8.90
C ARG D 24 -5.74 17.89 -9.15
N MSE D 25 -5.36 17.72 -10.41
CA MSE D 25 -4.60 16.57 -10.82
C MSE D 25 -3.38 16.41 -9.91
O MSE D 25 -3.10 15.32 -9.40
CB MSE D 25 -4.18 16.73 -12.28
CG MSE D 25 -3.66 15.47 -12.89
SE MSE D 25 -5.06 14.11 -12.77
CE MSE D 25 -6.41 15.04 -13.73
N ASN D 26 -2.66 17.51 -9.71
CA ASN D 26 -1.52 17.53 -8.81
C ASN D 26 -1.89 16.91 -7.49
N GLU D 27 -2.98 17.39 -6.91
CA GLU D 27 -3.50 16.82 -5.68
C GLU D 27 -3.57 15.30 -5.80
N LEU D 28 -4.27 14.81 -6.81
CA LEU D 28 -4.41 13.36 -7.03
C LEU D 28 -3.07 12.64 -7.30
N LEU D 29 -2.11 13.33 -7.90
CA LEU D 29 -0.83 12.70 -8.22
C LEU D 29 0.05 12.36 -6.99
N GLU D 30 0.11 13.29 -6.03
CA GLU D 30 0.82 13.10 -4.75
C GLU D 30 0.52 11.73 -4.11
N ILE D 31 -0.68 11.22 -4.34
CA ILE D 31 -1.09 9.90 -3.86
C ILE D 31 -0.29 8.76 -4.52
N LEU D 32 -0.08 8.87 -5.82
CA LEU D 32 0.62 7.81 -6.53
C LEU D 32 2.06 7.66 -6.07
N PRO D 33 2.56 6.43 -6.14
CA PRO D 33 4.00 6.22 -6.05
C PRO D 33 4.66 7.13 -7.09
N ALA D 34 5.90 7.56 -6.84
CA ALA D 34 6.59 8.47 -7.75
C ALA D 34 6.85 7.88 -9.15
N LYS D 35 7.17 6.58 -9.22
CA LYS D 35 7.43 5.94 -10.50
C LYS D 35 6.16 5.90 -11.36
N GLN D 36 5.03 5.65 -10.71
CA GLN D 36 3.79 5.63 -11.47
C GLN D 36 3.44 7.04 -11.95
N ARG D 37 3.62 8.02 -11.09
CA ARG D 37 3.38 9.40 -11.48
C ARG D 37 4.26 9.77 -12.68
N GLU D 38 5.53 9.41 -12.60
CA GLU D 38 6.47 9.77 -13.65
C GLU D 38 6.03 9.13 -14.98
N ILE D 39 5.48 7.92 -14.89
CA ILE D 39 5.01 7.20 -16.06
C ILE D 39 3.84 7.90 -16.77
N LEU D 40 2.83 8.32 -16.01
CA LEU D 40 1.64 8.94 -16.59
C LEU D 40 1.98 10.23 -17.30
N ILE D 41 2.87 10.99 -16.68
CA ILE D 41 3.36 12.23 -17.23
C ILE D 41 4.07 11.99 -18.56
N LEU D 42 5.01 11.06 -18.58
CA LEU D 42 5.70 10.75 -19.80
C LEU D 42 4.67 10.31 -20.87
N ARG D 43 3.73 9.44 -20.50
CA ARG D 43 2.83 8.89 -21.50
C ARG D 43 1.85 9.88 -22.07
N VAL D 44 1.43 10.82 -21.24
CA VAL D 44 0.31 11.65 -21.57
C VAL D 44 0.75 13.05 -21.93
N VAL D 45 1.66 13.60 -21.13
CA VAL D 45 2.09 14.98 -21.31
C VAL D 45 3.19 15.07 -22.36
N VAL D 46 4.21 14.24 -22.24
CA VAL D 46 5.19 14.20 -23.33
C VAL D 46 4.57 13.47 -24.50
N GLY D 47 3.88 12.38 -24.22
CA GLY D 47 3.24 11.59 -25.27
C GLY D 47 4.11 10.43 -25.73
N LEU D 48 5.04 10.04 -24.87
CA LEU D 48 5.87 8.87 -25.11
C LEU D 48 5.01 7.61 -25.18
N SER D 49 5.45 6.62 -25.96
CA SER D 49 4.75 5.35 -26.01
C SER D 49 5.14 4.53 -24.77
N ALA D 50 4.42 3.45 -24.49
CA ALA D 50 4.88 2.45 -23.55
C ALA D 50 6.38 2.05 -23.64
N GLU D 51 6.86 1.63 -24.82
CA GLU D 51 8.30 1.33 -24.97
C GLU D 51 9.22 2.51 -24.71
N GLU D 52 8.89 3.66 -25.27
CA GLU D 52 9.77 4.81 -25.12
C GLU D 52 9.83 5.15 -23.64
N THR D 53 8.69 5.04 -23.00
CA THR D 53 8.62 5.33 -21.58
C THR D 53 9.51 4.34 -20.84
N ALA D 54 9.43 3.08 -21.22
CA ALA D 54 10.24 2.03 -20.61
C ALA D 54 11.70 2.35 -20.69
N ALA D 55 12.14 2.84 -21.84
CA ALA D 55 13.54 3.14 -22.04
C ALA D 55 13.96 4.36 -21.24
N ALA D 56 13.07 5.32 -21.14
CA ALA D 56 13.40 6.55 -20.43
C ALA D 56 13.39 6.37 -18.90
N VAL D 57 12.70 5.34 -18.41
CA VAL D 57 12.70 5.10 -16.97
C VAL D 57 13.54 3.89 -16.55
N GLY D 58 14.10 3.16 -17.51
CA GLY D 58 14.94 2.01 -17.21
C GLY D 58 14.25 0.66 -16.97
N SER D 59 12.93 0.62 -17.03
CA SER D 59 12.25 -0.67 -16.86
C SER D 59 11.94 -1.29 -18.21
N THR D 60 11.19 -2.38 -18.21
CA THR D 60 10.80 -3.03 -19.45
C THR D 60 9.43 -2.51 -19.86
N THR D 61 9.00 -2.85 -21.05
CA THR D 61 7.70 -2.39 -21.56
C THR D 61 6.53 -2.96 -20.77
N GLY D 62 6.63 -4.24 -20.39
CA GLY D 62 5.56 -4.89 -19.65
C GLY D 62 5.35 -4.24 -18.30
N ALA D 63 6.46 -3.93 -17.65
CA ALA D 63 6.46 -3.22 -16.38
C ALA D 63 5.74 -1.89 -16.48
N VAL D 64 6.02 -1.12 -17.55
CA VAL D 64 5.34 0.17 -17.74
C VAL D 64 3.84 -0.04 -17.94
N ARG D 65 3.50 -1.05 -18.73
CA ARG D 65 2.10 -1.35 -19.00
C ARG D 65 1.32 -1.68 -17.75
N VAL D 66 1.99 -2.30 -16.80
CA VAL D 66 1.35 -2.63 -15.52
C VAL D 66 1.28 -1.40 -14.62
N ALA D 67 2.39 -0.67 -14.52
CA ALA D 67 2.43 0.50 -13.65
C ALA D 67 1.44 1.58 -14.11
N GLN D 68 1.31 1.73 -15.43
CA GLN D 68 0.43 2.79 -15.94
C GLN D 68 -1.00 2.37 -15.73
N HIS D 69 -1.26 1.07 -15.78
CA HIS D 69 -2.61 0.59 -15.50
C HIS D 69 -2.99 0.81 -14.01
N ARG D 70 -2.10 0.39 -13.11
CA ARG D 70 -2.32 0.60 -11.68
C ARG D 70 -2.54 2.08 -11.39
N ALA D 71 -1.71 2.91 -12.00
CA ALA D 71 -1.82 4.33 -11.78
C ALA D 71 -3.23 4.78 -12.15
N LEU D 72 -3.70 4.32 -13.29
CA LEU D 72 -4.97 4.79 -13.82
C LEU D 72 -6.10 4.38 -12.88
N GLN D 73 -6.05 3.15 -12.41
CA GLN D 73 -7.04 2.67 -11.43
C GLN D 73 -6.97 3.45 -10.13
N ARG D 74 -5.78 3.50 -9.55
CA ARG D 74 -5.56 4.27 -8.33
C ARG D 74 -6.24 5.62 -8.49
N LEU D 75 -5.95 6.27 -9.61
CA LEU D 75 -6.52 7.58 -9.97
C LEU D 75 -8.05 7.62 -10.04
N LYS D 76 -8.64 6.64 -10.73
CA LYS D 76 -10.09 6.44 -10.71
C LYS D 76 -10.63 6.36 -9.28
N ASP D 77 -10.01 5.50 -8.47
CA ASP D 77 -10.41 5.35 -7.08
C ASP D 77 -10.43 6.68 -6.36
N GLU D 78 -9.27 7.34 -6.29
CA GLU D 78 -9.11 8.54 -5.50
C GLU D 78 -10.17 9.59 -5.81
N ILE D 79 -10.59 9.63 -7.07
CA ILE D 79 -11.65 10.52 -7.50
C ILE D 79 -12.95 10.19 -6.78
N VAL D 80 -13.15 8.89 -6.54
CA VAL D 80 -14.39 8.39 -6.00
C VAL D 80 -14.61 9.02 -4.64
N ALA D 81 -13.53 9.23 -3.90
CA ALA D 81 -13.69 9.52 -2.50
C ALA D 81 -14.50 10.79 -2.29
N ALA D 82 -14.19 11.85 -3.04
CA ALA D 82 -15.10 12.97 -3.17
C ALA D 82 -16.16 12.73 -4.23
N GLY D 83 -15.73 12.40 -5.44
CA GLY D 83 -16.18 13.10 -6.63
C GLY D 83 -16.97 12.21 -7.57
N ASP D 84 -18.14 12.69 -7.97
CA ASP D 84 -19.33 11.85 -8.10
C ASP D 84 -19.28 10.64 -7.16
N ARG E 11 18.89 -14.76 11.14
CA ARG E 11 19.18 -13.58 10.35
C ARG E 11 17.98 -13.22 9.42
N PRO E 12 17.17 -14.23 9.13
CA PRO E 12 16.07 -14.14 8.15
C PRO E 12 14.70 -13.63 8.65
N PRO E 13 14.02 -12.99 7.72
CA PRO E 13 12.79 -12.26 8.04
C PRO E 13 11.94 -12.94 9.11
N LEU E 14 11.72 -14.23 8.98
CA LEU E 14 10.66 -14.84 9.74
C LEU E 14 10.94 -14.54 11.21
N ASP E 15 12.23 -14.40 11.55
CA ASP E 15 12.61 -14.20 12.95
C ASP E 15 12.26 -12.76 13.40
N GLU E 16 12.08 -11.89 12.40
CA GLU E 16 11.49 -10.58 12.57
C GLU E 16 10.14 -10.75 13.24
N LEU E 17 9.33 -11.60 12.64
CA LEU E 17 7.94 -11.75 13.05
C LEU E 17 7.90 -12.29 14.47
N ALA E 18 8.65 -13.37 14.71
CA ALA E 18 8.71 -14.01 16.02
C ALA E 18 9.09 -12.96 17.04
N ARG E 19 9.98 -12.06 16.68
CA ARG E 19 10.48 -11.13 17.68
C ARG E 19 9.48 -10.04 18.04
N THR E 20 8.71 -9.58 17.07
CA THR E 20 7.64 -8.63 17.36
C THR E 20 6.56 -9.34 18.22
N ASP E 21 6.27 -10.58 17.87
CA ASP E 21 5.26 -11.34 18.57
C ASP E 21 5.64 -11.46 20.04
N LEU E 22 6.90 -11.77 20.28
CA LEU E 22 7.40 -11.82 21.63
C LEU E 22 7.33 -10.46 22.33
N LEU E 23 7.73 -9.39 21.64
CA LEU E 23 7.64 -8.07 22.27
C LEU E 23 6.20 -7.77 22.72
N LEU E 24 5.24 -7.87 21.79
CA LEU E 24 3.82 -7.67 22.11
C LEU E 24 3.32 -8.61 23.25
N ASP E 25 3.77 -9.85 23.28
CA ASP E 25 3.44 -10.74 24.38
C ASP E 25 3.94 -10.21 25.72
N ALA E 26 5.15 -9.65 25.74
CA ALA E 26 5.70 -9.04 26.96
C ALA E 26 4.94 -7.77 27.36
N LEU E 27 4.68 -6.92 26.37
CA LEU E 27 3.86 -5.76 26.62
C LEU E 27 2.53 -6.18 27.28
N ALA E 28 1.92 -7.22 26.77
CA ALA E 28 0.55 -7.56 27.17
C ALA E 28 0.51 -8.09 28.62
N GLU E 29 1.57 -8.79 29.01
CA GLU E 29 1.74 -9.26 30.35
C GLU E 29 2.35 -8.22 31.27
N ARG E 30 2.47 -7.00 30.77
CA ARG E 30 3.13 -5.94 31.52
C ARG E 30 4.58 -6.26 31.97
N GLU E 31 5.27 -7.11 31.23
CA GLU E 31 6.67 -7.42 31.50
C GLU E 31 7.61 -6.31 31.02
N GLU E 32 8.40 -5.74 31.94
CA GLU E 32 9.37 -4.69 31.61
C GLU E 32 10.59 -5.26 30.89
N VAL E 33 10.78 -4.87 29.64
CA VAL E 33 11.93 -5.34 28.89
C VAL E 33 12.95 -4.23 28.67
N ASP E 34 14.22 -4.59 28.67
CA ASP E 34 15.30 -3.63 28.43
C ASP E 34 15.89 -3.73 27.02
N PHE E 35 15.67 -2.70 26.22
CA PHE E 35 16.15 -2.72 24.83
C PHE E 35 17.50 -2.03 24.70
N ALA E 36 18.31 -2.53 23.78
CA ALA E 36 19.57 -1.90 23.44
C ALA E 36 19.34 -0.49 22.88
N ASP E 37 18.53 -0.40 21.82
CA ASP E 37 18.22 0.87 21.17
C ASP E 37 17.20 1.64 21.99
N PRO E 38 17.59 2.83 22.45
CA PRO E 38 16.82 3.66 23.38
C PRO E 38 15.47 4.03 22.80
N ARG E 39 15.39 4.02 21.47
CA ARG E 39 14.15 4.35 20.79
C ARG E 39 13.14 3.23 21.02
N ASP E 40 13.62 1.99 20.91
CA ASP E 40 12.81 0.86 21.33
C ASP E 40 12.32 1.12 22.75
N ASP E 41 13.25 1.36 23.69
CA ASP E 41 12.88 1.59 25.09
C ASP E 41 11.76 2.62 25.12
N ALA E 42 11.85 3.65 24.28
CA ALA E 42 10.94 4.78 24.40
C ALA E 42 9.57 4.34 23.96
N LEU E 43 9.56 3.66 22.81
CA LEU E 43 8.32 3.15 22.22
C LEU E 43 7.61 2.15 23.18
N ALA E 44 8.34 1.18 23.70
CA ALA E 44 7.80 0.23 24.67
C ALA E 44 7.18 0.96 25.87
N ALA E 45 7.92 1.92 26.42
CA ALA E 45 7.44 2.73 27.53
C ALA E 45 6.13 3.43 27.15
N LEU E 46 6.11 4.00 25.96
CA LEU E 46 4.96 4.72 25.48
C LEU E 46 3.73 3.82 25.35
N LEU E 47 3.95 2.61 24.87
CA LEU E 47 2.90 1.63 24.71
C LEU E 47 2.42 1.09 26.05
N GLY E 48 3.34 0.89 26.98
CA GLY E 48 2.95 0.40 28.28
C GLY E 48 2.04 1.42 28.97
N GLN E 49 2.44 2.69 28.93
CA GLN E 49 1.64 3.68 29.64
C GLN E 49 0.24 3.74 29.03
N TRP E 50 0.19 3.57 27.72
CA TRP E 50 -1.04 3.65 26.96
C TRP E 50 -1.91 2.43 27.25
N ARG E 51 -1.27 1.27 27.30
CA ARG E 51 -1.88 0.03 27.73
C ARG E 51 -2.56 0.25 29.08
N ASP E 52 -1.81 0.82 30.01
CA ASP E 52 -2.33 1.02 31.35
C ASP E 52 -3.56 1.93 31.36
N ASP E 53 -3.40 3.15 30.83
CA ASP E 53 -4.50 4.12 30.77
C ASP E 53 -5.76 3.51 30.18
N LEU E 54 -5.61 2.76 29.11
CA LEU E 54 -6.75 2.25 28.37
C LEU E 54 -7.42 1.09 29.06
N ARG E 55 -6.65 0.36 29.86
CA ARG E 55 -7.19 -0.63 30.78
C ARG E 55 -8.05 0.02 31.85
N TRP E 56 -7.70 1.26 32.16
CA TRP E 56 -7.94 1.84 33.47
C TRP E 56 -9.26 2.58 33.47
N PRO E 57 -9.97 2.52 34.59
CA PRO E 57 -11.38 2.94 34.63
C PRO E 57 -11.56 4.33 35.25
N MSE F 15 0.61 28.89 26.69
CA MSE F 15 1.18 27.84 27.53
C MSE F 15 0.48 26.50 27.30
O MSE F 15 -0.66 26.28 27.72
CB MSE F 15 1.13 28.20 29.01
CG MSE F 15 1.19 29.69 29.27
SE MSE F 15 1.16 30.04 31.01
CE MSE F 15 2.83 29.56 31.50
N ALA F 16 1.21 25.60 26.69
CA ALA F 16 0.66 24.35 26.18
C ALA F 16 0.97 23.17 27.08
N ILE F 17 0.00 22.26 27.20
CA ILE F 17 0.14 21.05 28.01
C ILE F 17 0.75 19.90 27.19
N GLU F 18 1.85 19.38 27.71
CA GLU F 18 2.46 18.13 27.27
C GLU F 18 1.39 17.04 27.09
N ALA F 19 1.28 16.47 25.89
CA ALA F 19 0.27 15.44 25.64
C ALA F 19 0.51 14.17 26.46
N ASP F 20 -0.56 13.56 26.95
CA ASP F 20 -0.41 12.31 27.70
C ASP F 20 -0.18 11.15 26.73
N SER F 21 0.16 9.99 27.27
CA SER F 21 0.48 8.82 26.45
C SER F 21 -0.64 8.49 25.44
N VAL F 22 -1.88 8.65 25.87
CA VAL F 22 -3.06 8.28 25.08
C VAL F 22 -3.27 9.21 23.91
N THR F 23 -3.25 10.51 24.20
CA THR F 23 -3.37 11.57 23.22
C THR F 23 -2.27 11.41 22.16
N ARG F 24 -1.07 11.09 22.62
CA ARG F 24 0.04 10.86 21.71
C ARG F 24 -0.15 9.62 20.88
N MSE F 25 -0.25 8.50 21.58
CA MSE F 25 -0.42 7.21 20.94
C MSE F 25 -1.60 7.26 19.98
O MSE F 25 -1.52 6.77 18.86
CB MSE F 25 -0.65 6.14 21.99
CG MSE F 25 -0.56 4.76 21.44
SE MSE F 25 1.18 4.55 20.62
CE MSE F 25 2.20 4.87 22.20
N ASN F 26 -2.69 7.87 20.44
CA ASN F 26 -3.86 8.10 19.61
C ASN F 26 -3.48 8.80 18.32
N GLU F 27 -2.76 9.91 18.45
CA GLU F 27 -2.25 10.59 17.29
C GLU F 27 -1.58 9.60 16.35
N LEU F 28 -0.59 8.87 16.85
CA LEU F 28 0.11 7.89 16.01
C LEU F 28 -0.79 6.78 15.45
N LEU F 29 -1.86 6.43 16.18
CA LEU F 29 -2.74 5.35 15.73
C LEU F 29 -3.59 5.68 14.50
N GLU F 30 -4.11 6.91 14.44
CA GLU F 30 -4.86 7.39 13.29
C GLU F 30 -4.14 7.10 11.96
N ILE F 31 -2.81 7.07 12.01
CA ILE F 31 -1.99 6.77 10.82
C ILE F 31 -2.15 5.32 10.35
N LEU F 32 -2.29 4.42 11.31
CA LEU F 32 -2.44 3.01 11.04
C LEU F 32 -3.74 2.75 10.30
N PRO F 33 -3.71 1.75 9.43
CA PRO F 33 -4.93 1.15 8.91
C PRO F 33 -5.71 0.48 10.03
N ALA F 34 -7.03 0.53 9.95
CA ALA F 34 -7.88 0.32 11.11
C ALA F 34 -7.70 -1.10 11.65
N LYS F 35 -7.56 -2.06 10.76
CA LYS F 35 -7.31 -3.44 11.16
C LYS F 35 -5.99 -3.63 11.90
N GLN F 36 -4.93 -2.96 11.46
CA GLN F 36 -3.68 -3.02 12.18
C GLN F 36 -3.84 -2.41 13.57
N ARG F 37 -4.45 -1.23 13.63
CA ARG F 37 -4.69 -0.60 14.90
C ARG F 37 -5.53 -1.48 15.85
N GLU F 38 -6.56 -2.14 15.29
CA GLU F 38 -7.42 -3.01 16.09
C GLU F 38 -6.60 -4.15 16.71
N ILE F 39 -5.63 -4.63 15.95
CA ILE F 39 -4.79 -5.75 16.33
C ILE F 39 -3.88 -5.38 17.50
N LEU F 40 -3.26 -4.20 17.43
CA LEU F 40 -2.31 -3.76 18.48
C LEU F 40 -3.03 -3.60 19.80
N ILE F 41 -4.24 -3.08 19.70
CA ILE F 41 -5.09 -2.87 20.86
C ILE F 41 -5.43 -4.22 21.49
N LEU F 42 -5.92 -5.16 20.68
CA LEU F 42 -6.23 -6.45 21.24
C LEU F 42 -4.98 -7.08 21.87
N ARG F 43 -3.85 -7.01 21.17
CA ARG F 43 -2.67 -7.72 21.64
C ARG F 43 -2.08 -7.14 22.90
N VAL F 44 -2.15 -5.83 23.00
CA VAL F 44 -1.45 -5.14 24.05
C VAL F 44 -2.35 -4.74 25.20
N VAL F 45 -3.49 -4.15 24.88
CA VAL F 45 -4.41 -3.60 25.88
C VAL F 45 -5.30 -4.71 26.46
N VAL F 46 -5.89 -5.52 25.60
CA VAL F 46 -6.62 -6.67 26.12
C VAL F 46 -5.62 -7.72 26.57
N GLY F 47 -4.58 -7.92 25.75
CA GLY F 47 -3.55 -8.89 26.06
C GLY F 47 -3.82 -10.23 25.41
N LEU F 48 -4.68 -10.21 24.40
CA LEU F 48 -4.93 -11.38 23.58
C LEU F 48 -3.64 -11.89 22.91
N SER F 49 -3.52 -13.19 22.73
CA SER F 49 -2.42 -13.74 21.99
C SER F 49 -2.62 -13.53 20.46
N ALA F 50 -1.58 -13.75 19.70
CA ALA F 50 -1.71 -13.86 18.26
C ALA F 50 -2.91 -14.71 17.76
N GLU F 51 -3.05 -15.96 18.19
CA GLU F 51 -4.22 -16.75 17.77
C GLU F 51 -5.57 -16.18 18.22
N GLU F 52 -5.64 -15.82 19.51
CA GLU F 52 -6.89 -15.32 20.03
C GLU F 52 -7.28 -14.08 19.26
N THR F 53 -6.30 -13.25 18.97
CA THR F 53 -6.54 -12.06 18.19
C THR F 53 -7.05 -12.45 16.79
N ALA F 54 -6.41 -13.44 16.18
CA ALA F 54 -6.85 -13.95 14.90
C ALA F 54 -8.30 -14.39 14.92
N ALA F 55 -8.71 -15.12 15.97
CA ALA F 55 -10.11 -15.54 16.08
C ALA F 55 -11.06 -14.37 16.24
N ALA F 56 -10.64 -13.37 17.00
CA ALA F 56 -11.50 -12.26 17.31
C ALA F 56 -11.65 -11.31 16.12
N VAL F 57 -10.70 -11.34 15.19
CA VAL F 57 -10.77 -10.48 14.01
C VAL F 57 -11.12 -11.24 12.72
N GLY F 58 -11.17 -12.56 12.79
CA GLY F 58 -11.58 -13.35 11.63
C GLY F 58 -10.49 -13.76 10.66
N SER F 59 -9.27 -13.28 10.87
CA SER F 59 -8.15 -13.71 10.03
C SER F 59 -7.44 -14.92 10.60
N THR F 60 -6.33 -15.29 9.98
CA THR F 60 -5.53 -16.41 10.46
C THR F 60 -4.44 -15.88 11.38
N THR F 61 -3.74 -16.77 12.07
CA THR F 61 -2.68 -16.37 12.99
C THR F 61 -1.47 -15.77 12.26
N GLY F 62 -1.10 -16.32 11.11
CA GLY F 62 -0.01 -15.78 10.32
C GLY F 62 -0.29 -14.34 9.89
N ALA F 63 -1.52 -14.10 9.45
CA ALA F 63 -1.95 -12.76 9.05
C ALA F 63 -1.80 -11.75 10.18
N VAL F 64 -2.19 -12.14 11.38
CA VAL F 64 -2.06 -11.26 12.53
C VAL F 64 -0.58 -10.95 12.78
N ARG F 65 0.25 -11.99 12.75
CA ARG F 65 1.69 -11.82 12.99
C ARG F 65 2.34 -10.84 12.02
N VAL F 66 1.83 -10.80 10.79
CA VAL F 66 2.38 -9.90 9.81
C VAL F 66 1.83 -8.49 10.05
N ALA F 67 0.51 -8.39 10.22
CA ALA F 67 -0.11 -7.10 10.41
C ALA F 67 0.43 -6.40 11.68
N GLN F 68 0.63 -7.17 12.75
CA GLN F 68 1.09 -6.58 14.00
C GLN F 68 2.55 -6.13 13.85
N HIS F 69 3.32 -6.87 13.08
CA HIS F 69 4.67 -6.45 12.78
C HIS F 69 4.66 -5.15 11.97
N ARG F 70 3.86 -5.11 10.92
CA ARG F 70 3.82 -3.93 10.06
C ARG F 70 3.43 -2.72 10.87
N ALA F 71 2.46 -2.93 11.76
CA ALA F 71 1.96 -1.87 12.62
C ALA F 71 3.11 -1.35 13.49
N LEU F 72 3.89 -2.27 14.00
CA LEU F 72 4.93 -1.88 14.92
C LEU F 72 5.95 -1.00 14.18
N GLN F 73 6.35 -1.45 12.98
CA GLN F 73 7.32 -0.72 12.19
C GLN F 73 6.77 0.65 11.83
N ARG F 74 5.57 0.65 11.25
CA ARG F 74 4.89 1.89 10.87
C ARG F 74 4.99 2.87 12.02
N LEU F 75 4.64 2.37 13.20
CA LEU F 75 4.72 3.11 14.46
C LEU F 75 6.12 3.65 14.78
N LYS F 76 7.13 2.78 14.67
CA LYS F 76 8.52 3.19 14.83
C LYS F 76 8.83 4.35 13.89
N ASP F 77 8.49 4.18 12.62
CA ASP F 77 8.73 5.20 11.61
C ASP F 77 8.11 6.53 12.02
N GLU F 78 6.79 6.55 12.16
CA GLU F 78 6.06 7.76 12.48
C GLU F 78 6.74 8.54 13.59
N ILE F 79 7.14 7.83 14.64
CA ILE F 79 7.80 8.45 15.76
C ILE F 79 9.02 9.22 15.27
N VAL F 80 9.74 8.63 14.33
CA VAL F 80 10.94 9.25 13.78
C VAL F 80 10.60 10.60 13.13
N ALA F 81 9.52 10.63 12.35
CA ALA F 81 9.11 11.85 11.69
C ALA F 81 8.22 12.68 12.61
N ALA F 82 8.60 13.92 12.82
CA ALA F 82 7.83 14.80 13.69
C ALA F 82 8.13 14.43 15.13
N GLY F 83 9.15 13.59 15.30
CA GLY F 83 9.55 13.12 16.61
C GLY F 83 11.01 12.72 16.61
N ASP F 84 11.60 12.56 17.78
CA ASP F 84 12.99 12.17 17.87
C ASP F 84 13.88 13.35 18.26
N PRO G 12 -6.31 0.56 1.64
CA PRO G 12 -6.03 -0.27 0.46
C PRO G 12 -5.33 -1.57 0.82
N PRO G 13 -5.42 -1.96 2.10
CA PRO G 13 -4.52 -2.98 2.65
C PRO G 13 -5.10 -4.40 2.75
N LEU G 14 -6.35 -4.64 2.37
CA LEU G 14 -7.07 -5.79 2.89
C LEU G 14 -7.79 -5.47 4.20
N ASP G 15 -7.70 -4.22 4.58
CA ASP G 15 -8.78 -3.48 5.17
C ASP G 15 -9.94 -3.68 4.22
N GLU G 16 -9.61 -3.75 2.94
CA GLU G 16 -10.62 -3.83 1.89
C GLU G 16 -11.54 -5.01 2.16
N LEU G 17 -10.93 -6.12 2.56
CA LEU G 17 -11.63 -7.35 2.90
C LEU G 17 -12.58 -7.11 4.06
N ALA G 18 -12.05 -6.58 5.16
CA ALA G 18 -12.84 -6.25 6.34
C ALA G 18 -14.07 -5.45 5.93
N ARG G 19 -13.89 -4.49 5.04
CA ARG G 19 -15.00 -3.64 4.69
C ARG G 19 -16.13 -4.33 3.91
N THR G 20 -15.78 -5.26 3.02
CA THR G 20 -16.78 -6.02 2.28
C THR G 20 -17.52 -6.94 3.27
N ASP G 21 -16.75 -7.56 4.14
CA ASP G 21 -17.29 -8.45 5.16
C ASP G 21 -18.33 -7.72 5.99
N LEU G 22 -18.00 -6.52 6.42
CA LEU G 22 -18.96 -5.68 7.13
C LEU G 22 -20.17 -5.31 6.27
N LEU G 23 -19.93 -4.96 5.00
CA LEU G 23 -20.99 -4.65 4.06
C LEU G 23 -21.99 -5.81 3.98
N LEU G 24 -21.48 -7.01 3.70
CA LEU G 24 -22.33 -8.21 3.65
C LEU G 24 -22.98 -8.57 4.99
N ASP G 25 -22.29 -8.27 6.09
CA ASP G 25 -22.92 -8.50 7.42
C ASP G 25 -24.14 -7.63 7.61
N ALA G 26 -24.07 -6.40 7.11
CA ALA G 26 -25.17 -5.46 7.27
C ALA G 26 -26.32 -5.83 6.32
N LEU G 27 -25.98 -6.16 5.09
CA LEU G 27 -26.96 -6.70 4.17
C LEU G 27 -27.73 -7.85 4.81
N ALA G 28 -26.99 -8.77 5.42
CA ALA G 28 -27.55 -9.99 5.94
C ALA G 28 -28.53 -9.75 7.11
N GLU G 29 -28.28 -8.66 7.86
CA GLU G 29 -29.09 -8.30 9.03
C GLU G 29 -30.18 -7.34 8.60
N ARG G 30 -30.21 -7.06 7.30
CA ARG G 30 -31.15 -6.13 6.72
C ARG G 30 -30.98 -4.71 7.29
N GLU G 31 -29.75 -4.37 7.65
CA GLU G 31 -29.44 -3.05 8.14
C GLU G 31 -29.26 -2.06 6.98
N GLU G 32 -30.02 -0.95 6.98
CA GLU G 32 -29.93 -0.02 5.87
C GLU G 32 -28.68 0.82 6.05
N VAL G 33 -27.78 0.80 5.07
CA VAL G 33 -26.56 1.63 5.12
C VAL G 33 -26.57 2.72 4.07
N ASP G 34 -26.02 3.86 4.42
CA ASP G 34 -25.93 4.99 3.51
C ASP G 34 -24.52 5.14 2.93
N PHE G 35 -24.39 4.89 1.63
CA PHE G 35 -23.09 5.01 0.98
C PHE G 35 -22.90 6.39 0.37
N ALA G 36 -21.64 6.82 0.35
CA ALA G 36 -21.28 8.05 -0.34
C ALA G 36 -21.55 7.90 -1.85
N ASP G 37 -20.95 6.89 -2.46
CA ASP G 37 -21.10 6.64 -3.90
C ASP G 37 -22.47 6.03 -4.21
N PRO G 38 -23.30 6.76 -4.97
CA PRO G 38 -24.67 6.39 -5.31
C PRO G 38 -24.75 5.00 -5.94
N ARG G 39 -23.66 4.58 -6.57
CA ARG G 39 -23.64 3.29 -7.23
C ARG G 39 -23.64 2.19 -6.18
N ASP G 40 -22.85 2.41 -5.13
CA ASP G 40 -22.88 1.57 -3.95
C ASP G 40 -24.31 1.53 -3.47
N ASP G 41 -24.92 2.70 -3.22
CA ASP G 41 -26.31 2.75 -2.76
C ASP G 41 -27.18 1.89 -3.67
N ALA G 42 -26.92 1.93 -4.97
CA ALA G 42 -27.81 1.28 -5.91
C ALA G 42 -27.65 -0.23 -5.79
N LEU G 43 -26.40 -0.66 -5.74
CA LEU G 43 -26.06 -2.07 -5.63
C LEU G 43 -26.66 -2.65 -4.31
N ALA G 44 -26.31 -2.05 -3.17
CA ALA G 44 -26.89 -2.44 -1.88
C ALA G 44 -28.41 -2.59 -1.94
N ALA G 45 -29.10 -1.60 -2.52
CA ALA G 45 -30.56 -1.67 -2.66
C ALA G 45 -30.95 -2.89 -3.47
N LEU G 46 -30.21 -3.11 -4.55
CA LEU G 46 -30.54 -4.20 -5.44
C LEU G 46 -30.40 -5.56 -4.73
N LEU G 47 -29.36 -5.67 -3.90
CA LEU G 47 -29.09 -6.88 -3.16
C LEU G 47 -30.13 -7.10 -2.06
N GLY G 48 -30.51 -6.01 -1.40
CA GLY G 48 -31.49 -6.07 -0.36
C GLY G 48 -32.80 -6.61 -0.91
N GLN G 49 -33.24 -6.05 -2.03
CA GLN G 49 -34.53 -6.44 -2.58
C GLN G 49 -34.48 -7.91 -2.96
N TRP G 50 -33.32 -8.30 -3.48
CA TRP G 50 -33.08 -9.65 -3.95
C TRP G 50 -33.05 -10.61 -2.77
N ARG G 51 -32.36 -10.19 -1.71
CA ARG G 51 -32.33 -10.87 -0.42
C ARG G 51 -33.74 -11.15 0.04
N ASP G 52 -34.58 -10.12 0.06
CA ASP G 52 -35.94 -10.23 0.53
C ASP G 52 -36.77 -11.21 -0.32
N ASP G 53 -36.83 -10.99 -1.63
CA ASP G 53 -37.57 -11.87 -2.53
C ASP G 53 -37.21 -13.33 -2.32
N LEU G 54 -35.91 -13.62 -2.27
CA LEU G 54 -35.42 -15.00 -2.15
C LEU G 54 -35.66 -15.63 -0.78
N ARG G 55 -35.80 -14.80 0.25
CA ARG G 55 -36.10 -15.29 1.57
C ARG G 55 -37.59 -15.54 1.65
N TRP G 56 -38.33 -14.77 0.85
CA TRP G 56 -39.78 -14.78 0.89
C TRP G 56 -40.30 -16.19 0.64
N PRO G 57 -41.50 -16.45 1.15
CA PRO G 57 -42.10 -17.79 1.05
C PRO G 57 -43.32 -17.81 0.15
N PRO G 58 -43.37 -18.79 -0.74
CA PRO G 58 -44.51 -18.96 -1.65
C PRO G 58 -45.76 -18.28 -1.11
N MSE H 15 -44.32 -4.50 -25.82
CA MSE H 15 -44.38 -3.95 -24.47
C MSE H 15 -43.75 -4.89 -23.45
O MSE H 15 -44.29 -5.97 -23.16
CB MSE H 15 -45.82 -3.66 -24.04
CG MSE H 15 -46.73 -3.25 -25.18
SE MSE H 15 -48.39 -2.82 -24.58
CE MSE H 15 -48.12 -1.16 -23.94
N ALA H 16 -42.62 -4.46 -22.91
CA ALA H 16 -41.76 -5.30 -22.11
C ALA H 16 -41.85 -4.98 -20.61
N ILE H 17 -41.81 -6.03 -19.80
CA ILE H 17 -41.85 -5.91 -18.36
C ILE H 17 -40.47 -5.71 -17.72
N GLU H 18 -40.35 -4.62 -16.97
CA GLU H 18 -39.17 -4.31 -16.17
C GLU H 18 -38.79 -5.53 -15.32
N ALA H 19 -37.55 -6.01 -15.44
CA ALA H 19 -37.14 -7.21 -14.70
C ALA H 19 -37.14 -6.98 -13.19
N ASP H 20 -37.58 -7.98 -12.43
CA ASP H 20 -37.58 -7.87 -10.97
C ASP H 20 -36.18 -8.05 -10.42
N SER H 21 -36.00 -7.83 -9.12
CA SER H 21 -34.67 -7.87 -8.52
C SER H 21 -33.96 -9.22 -8.76
N VAL H 22 -34.73 -10.29 -8.70
CA VAL H 22 -34.23 -11.66 -8.83
C VAL H 22 -33.77 -11.98 -10.24
N THR H 23 -34.63 -11.69 -11.22
CA THR H 23 -34.33 -11.88 -12.62
C THR H 23 -33.09 -11.10 -12.99
N ARG H 24 -32.96 -9.91 -12.43
CA ARG H 24 -31.80 -9.09 -12.69
C ARG H 24 -30.56 -9.66 -12.04
N MSE H 25 -30.62 -9.76 -10.73
CA MSE H 25 -29.53 -10.30 -9.96
C MSE H 25 -29.11 -11.63 -10.53
O MSE H 25 -27.92 -11.88 -10.74
CB MSE H 25 -29.94 -10.46 -8.50
CG MSE H 25 -28.79 -10.69 -7.59
SE MSE H 25 -27.54 -9.20 -7.77
CE MSE H 25 -28.72 -7.80 -7.24
N ASN H 26 -30.08 -12.49 -10.81
CA ASN H 26 -29.83 -13.78 -11.42
C ASN H 26 -28.98 -13.61 -12.67
N GLU H 27 -29.41 -12.73 -13.55
CA GLU H 27 -28.61 -12.38 -14.70
C GLU H 27 -27.17 -12.11 -14.30
N LEU H 28 -26.94 -11.16 -13.41
CA LEU H 28 -25.58 -10.84 -12.97
C LEU H 28 -24.83 -12.01 -12.28
N LEU H 29 -25.57 -12.91 -11.64
CA LEU H 29 -24.93 -14.03 -10.95
C LEU H 29 -24.30 -15.07 -11.89
N GLU H 30 -25.01 -15.42 -12.97
CA GLU H 30 -24.50 -16.34 -13.99
C GLU H 30 -23.06 -16.03 -14.41
N ILE H 31 -22.69 -14.75 -14.36
CA ILE H 31 -21.33 -14.31 -14.65
C ILE H 31 -20.31 -14.81 -13.62
N LEU H 32 -20.68 -14.82 -12.34
CA LEU H 32 -19.74 -15.23 -11.32
C LEU H 32 -19.38 -16.70 -11.45
N PRO H 33 -18.15 -17.05 -11.05
CA PRO H 33 -17.82 -18.46 -10.79
C PRO H 33 -18.85 -19.00 -9.81
N ALA H 34 -19.16 -20.30 -9.90
CA ALA H 34 -20.21 -20.89 -9.08
C ALA H 34 -19.89 -20.79 -7.59
N LYS H 35 -18.60 -20.88 -7.27
CA LYS H 35 -18.12 -20.87 -5.90
C LYS H 35 -18.38 -19.52 -5.27
N GLN H 36 -18.16 -18.46 -6.03
CA GLN H 36 -18.36 -17.13 -5.50
C GLN H 36 -19.84 -16.82 -5.37
N ARG H 37 -20.60 -17.24 -6.37
CA ARG H 37 -22.04 -17.07 -6.27
C ARG H 37 -22.63 -17.78 -5.03
N GLU H 38 -22.21 -19.00 -4.78
CA GLU H 38 -22.70 -19.76 -3.64
C GLU H 38 -22.39 -19.00 -2.33
N ILE H 39 -21.25 -18.34 -2.30
CA ILE H 39 -20.81 -17.62 -1.12
C ILE H 39 -21.68 -16.41 -0.81
N LEU H 40 -22.04 -15.64 -1.85
CA LEU H 40 -22.85 -14.42 -1.70
C LEU H 40 -24.26 -14.73 -1.21
N ILE H 41 -24.83 -15.78 -1.79
CA ILE H 41 -26.09 -16.32 -1.35
C ILE H 41 -26.05 -16.72 0.13
N LEU H 42 -25.07 -17.52 0.53
CA LEU H 42 -24.99 -17.93 1.93
C LEU H 42 -24.86 -16.69 2.83
N ARG H 43 -24.00 -15.76 2.45
CA ARG H 43 -23.68 -14.64 3.31
C ARG H 43 -24.84 -13.69 3.42
N VAL H 44 -25.57 -13.50 2.34
CA VAL H 44 -26.59 -12.48 2.27
C VAL H 44 -28.03 -13.00 2.47
N VAL H 45 -28.36 -14.05 1.75
CA VAL H 45 -29.70 -14.63 1.80
C VAL H 45 -29.91 -15.50 3.04
N VAL H 46 -29.01 -16.43 3.30
CA VAL H 46 -29.13 -17.17 4.54
C VAL H 46 -28.68 -16.26 5.67
N GLY H 47 -27.56 -15.58 5.46
CA GLY H 47 -27.07 -14.62 6.45
C GLY H 47 -26.00 -15.25 7.28
N LEU H 48 -25.35 -16.24 6.70
CA LEU H 48 -24.23 -16.90 7.35
C LEU H 48 -23.06 -15.91 7.50
N SER H 49 -22.26 -16.07 8.55
CA SER H 49 -21.09 -15.24 8.71
C SER H 49 -20.03 -15.78 7.74
N ALA H 50 -18.95 -15.02 7.53
CA ALA H 50 -17.73 -15.53 6.90
C ALA H 50 -17.26 -16.92 7.39
N GLU H 51 -17.04 -17.11 8.71
CA GLU H 51 -16.66 -18.46 9.20
C GLU H 51 -17.69 -19.56 8.93
N GLU H 52 -18.96 -19.27 9.19
CA GLU H 52 -19.99 -20.30 9.02
C GLU H 52 -20.08 -20.66 7.55
N THR H 53 -19.90 -19.65 6.69
CA THR H 53 -19.88 -19.88 5.27
C THR H 53 -18.70 -20.78 4.94
N ALA H 54 -17.56 -20.50 5.56
CA ALA H 54 -16.35 -21.27 5.29
C ALA H 54 -16.59 -22.73 5.62
N ALA H 55 -17.27 -22.98 6.72
CA ALA H 55 -17.49 -24.35 7.15
C ALA H 55 -18.49 -25.06 6.24
N ALA H 56 -19.47 -24.31 5.75
CA ALA H 56 -20.50 -24.91 4.91
C ALA H 56 -19.99 -25.18 3.49
N VAL H 57 -18.92 -24.51 3.09
CA VAL H 57 -18.37 -24.72 1.74
C VAL H 57 -17.03 -25.45 1.73
N GLY H 58 -16.49 -25.72 2.91
CA GLY H 58 -15.25 -26.49 3.01
C GLY H 58 -13.94 -25.73 2.91
N SER H 59 -14.01 -24.42 2.66
CA SER H 59 -12.78 -23.66 2.62
C SER H 59 -12.45 -23.03 3.98
N THR H 60 -11.46 -22.15 4.01
CA THR H 60 -11.11 -21.47 5.23
C THR H 60 -11.82 -20.11 5.24
N THR H 61 -11.74 -19.41 6.36
CA THR H 61 -12.39 -18.13 6.49
C THR H 61 -11.76 -17.05 5.63
N GLY H 62 -10.43 -17.09 5.52
CA GLY H 62 -9.71 -16.13 4.71
C GLY H 62 -10.09 -16.24 3.24
N ALA H 63 -10.18 -17.48 2.79
CA ALA H 63 -10.59 -17.79 1.43
C ALA H 63 -11.99 -17.23 1.12
N VAL H 64 -12.94 -17.42 2.06
CA VAL H 64 -14.27 -16.84 1.89
C VAL H 64 -14.21 -15.32 1.79
N ARG H 65 -13.44 -14.71 2.67
CA ARG H 65 -13.27 -13.25 2.66
C ARG H 65 -12.74 -12.69 1.36
N VAL H 66 -11.87 -13.46 0.72
CA VAL H 66 -11.33 -13.05 -0.58
C VAL H 66 -12.35 -13.29 -1.70
N ALA H 67 -12.92 -14.50 -1.73
CA ALA H 67 -13.91 -14.83 -2.76
C ALA H 67 -15.13 -13.89 -2.72
N GLN H 68 -15.57 -13.52 -1.52
CA GLN H 68 -16.78 -12.70 -1.39
C GLN H 68 -16.46 -11.28 -1.82
N HIS H 69 -15.22 -10.86 -1.57
CA HIS H 69 -14.76 -9.56 -2.05
C HIS H 69 -14.67 -9.48 -3.57
N ARG H 70 -14.01 -10.48 -4.16
CA ARG H 70 -13.95 -10.56 -5.64
C ARG H 70 -15.33 -10.60 -6.25
N ALA H 71 -16.22 -11.36 -5.63
CA ALA H 71 -17.56 -11.47 -6.15
C ALA H 71 -18.20 -10.08 -6.18
N LEU H 72 -18.03 -9.34 -5.10
CA LEU H 72 -18.68 -8.06 -4.95
C LEU H 72 -18.15 -7.11 -6.01
N GLN H 73 -16.84 -7.10 -6.20
CA GLN H 73 -16.25 -6.26 -7.26
C GLN H 73 -16.73 -6.65 -8.64
N ARG H 74 -16.56 -7.92 -8.98
CA ARG H 74 -17.05 -8.46 -10.24
C ARG H 74 -18.45 -7.93 -10.48
N LEU H 75 -19.31 -8.05 -9.47
CA LEU H 75 -20.69 -7.59 -9.51
C LEU H 75 -20.83 -6.10 -9.78
N LYS H 76 -20.04 -5.28 -9.07
CA LYS H 76 -19.98 -3.85 -9.33
C LYS H 76 -19.64 -3.57 -10.80
N ASP H 77 -18.60 -4.25 -11.28
CA ASP H 77 -18.19 -4.10 -12.66
C ASP H 77 -19.34 -4.37 -13.63
N GLU H 78 -19.92 -5.55 -13.51
CA GLU H 78 -20.80 -6.12 -14.54
C GLU H 78 -21.99 -5.22 -14.73
N ILE H 79 -22.45 -4.62 -13.64
CA ILE H 79 -23.56 -3.71 -13.68
C ILE H 79 -23.16 -2.55 -14.57
N VAL H 80 -21.88 -2.21 -14.54
CA VAL H 80 -21.37 -1.05 -15.23
C VAL H 80 -21.61 -1.14 -16.73
N ALA H 81 -21.42 -2.32 -17.31
CA ALA H 81 -21.60 -2.44 -18.75
C ALA H 81 -23.03 -2.10 -19.21
N ALA H 82 -24.04 -2.61 -18.52
CA ALA H 82 -25.43 -2.35 -18.91
C ALA H 82 -25.97 -0.91 -18.79
N GLY H 83 -25.70 -0.25 -17.67
CA GLY H 83 -26.18 1.10 -17.43
C GLY H 83 -25.41 1.70 -16.27
N ASP H 84 -25.44 3.02 -16.07
CA ASP H 84 -24.64 3.50 -14.95
C ASP H 84 -25.49 4.45 -14.11
N TYR H 85 -25.47 4.25 -12.81
CA TYR H 85 -26.28 5.09 -11.92
C TYR H 85 -26.80 4.31 -10.72
S SO4 I . 2.55 0.58 -4.07
O1 SO4 I . 2.04 -0.50 -3.21
O2 SO4 I . 2.54 0.12 -5.46
O3 SO4 I . 1.67 1.74 -3.92
O4 SO4 I . 3.90 0.98 -3.67
S SO4 J . 11.00 -0.22 -8.67
O1 SO4 J . 11.38 0.41 -9.94
O2 SO4 J . 9.67 0.21 -8.28
O3 SO4 J . 11.01 -1.69 -8.80
O4 SO4 J . 11.92 0.27 -7.64
S SO4 K . 17.28 -10.40 -12.46
O1 SO4 K . 18.66 -10.92 -12.37
O2 SO4 K . 16.79 -10.42 -13.84
O3 SO4 K . 16.44 -11.24 -11.60
O4 SO4 K . 17.21 -9.02 -11.97
S SO4 L . -3.50 -13.72 -21.37
O1 SO4 L . -4.09 -14.90 -22.02
O2 SO4 L . -3.79 -12.54 -22.19
O3 SO4 L . -4.09 -13.55 -20.03
O4 SO4 L . -2.04 -13.90 -21.25
S SO4 M . 4.33 -0.95 -10.03
O1 SO4 M . 4.08 -1.41 -11.40
O2 SO4 M . 3.84 0.43 -9.86
O3 SO4 M . 3.64 -1.85 -9.12
O4 SO4 M . 5.77 -0.92 -9.83
S SO4 N . 11.71 -3.48 -14.07
O1 SO4 N . 11.97 -4.81 -13.50
O2 SO4 N . 10.60 -3.56 -15.00
O3 SO4 N . 11.36 -2.53 -13.00
O4 SO4 N . 12.92 -3.01 -14.76
S SO4 O . -0.93 -19.41 9.07
O1 SO4 O . -1.05 -20.44 8.04
O2 SO4 O . -0.80 -18.13 8.36
O3 SO4 O . -2.12 -19.41 9.95
O4 SO4 O . 0.25 -19.62 9.91
S SO4 P . -7.27 -13.32 6.25
O1 SO4 P . -6.09 -14.18 6.49
O2 SO4 P . -8.48 -14.15 6.26
O3 SO4 P . -7.36 -12.26 7.25
O4 SO4 P . -7.18 -12.62 4.95
S SO4 Q . -2.30 -5.24 6.31
O1 SO4 Q . -1.82 -6.59 6.71
O2 SO4 Q . -2.88 -5.28 4.97
O3 SO4 Q . -3.26 -4.78 7.30
O4 SO4 Q . -1.25 -4.24 6.24
S SO4 R . -11.79 -17.19 -5.70
O1 SO4 R . -11.00 -18.40 -5.78
O2 SO4 R . -13.20 -17.53 -5.99
O3 SO4 R . -11.65 -16.63 -4.36
O4 SO4 R . -11.31 -16.22 -6.69
S SO4 S . -9.54 -5.19 -5.76
O1 SO4 S . -9.71 -6.66 -5.63
O2 SO4 S . -10.42 -4.71 -6.84
O3 SO4 S . -9.84 -4.48 -4.52
O4 SO4 S . -8.13 -4.94 -6.08
S SO4 T . -11.85 -24.13 -5.53
O1 SO4 T . -11.89 -25.46 -6.16
O2 SO4 T . -12.56 -23.22 -6.41
O3 SO4 T . -12.58 -24.17 -4.27
O4 SO4 T . -10.45 -23.68 -5.37
S SO4 U . -11.83 -17.02 -12.00
O1 SO4 U . -12.16 -18.44 -12.05
O2 SO4 U . -12.82 -16.29 -12.77
O3 SO4 U . -11.86 -16.55 -10.61
O4 SO4 U . -10.47 -16.80 -12.51
#